data_1TDU
#
_entry.id   1TDU
#
_cell.length_a   127.299
_cell.length_b   127.299
_cell.length_c   67.983
_cell.angle_alpha   90.00
_cell.angle_beta   90.00
_cell.angle_gamma   120.00
#
_symmetry.space_group_name_H-M   'P 63'
#
loop_
_entity.id
_entity.type
_entity.pdbx_description
1 polymer 'THYMIDYLATE SYNTHASE'
2 non-polymer 'PHOSPHATE ION'
3 non-polymer "2'-DEOXYURIDINE"
4 non-polymer '10-PROPARGYL-5,8-DIDEAZAFOLIC ACID'
5 water water
#
_entity_poly.entity_id   1
_entity_poly.type   'polypeptide(L)'
_entity_poly.pdbx_seq_one_letter_code
;(FMT)MKQYLELMQKVLDEGTQKNDRTGTGTLSIFGHQMRFNLQDGFPLVTTKRCHLRSIIHELLWFLQGDTNIAYLHEN
NVTIWDEWADENGDLGPVYGKQWRAWPTPDGRHIDQITTVLNQLKNDPDSRRIIVSAWNVGELDKMALAPCHAFFQFYVA
DGKLSCQLYQRSCDVFLGLPFNIASYALLVHMMAQQCDLEVGDFVWTGGDTHLYSNHMDQTHLQLSREPRPLPKLIIKRK
PESIFDYRFEDFEIEGYDPHPGIKAPVAI
;
_entity_poly.pdbx_strand_id   A,B
#
loop_
_chem_comp.id
_chem_comp.type
_chem_comp.name
_chem_comp.formula
CB3 non-polymer '10-PROPARGYL-5,8-DIDEAZAFOLIC ACID' 'C24 H23 N5 O6'
DUR non-polymer 2'-DEOXYURIDINE 'C9 H12 N2 O5'
FMT non-polymer 'FORMIC ACID' 'C H2 O2'
PO4 non-polymer 'PHOSPHATE ION' 'O4 P -3'
#
# COMPACT_ATOMS: atom_id res chain seq x y z
C FMT A 1 -18.19 -8.71 14.10
O1 FMT A 1 -18.18 -7.54 14.47
O2 FMT A 1 -19.08 -9.10 13.35
N MET A 2 -16.96 -8.70 13.60
CA MET A 2 -16.47 -9.81 12.78
C MET A 2 -15.20 -10.44 13.28
N LYS A 3 -15.03 -11.74 13.06
CA LYS A 3 -13.82 -12.46 13.49
C LYS A 3 -12.48 -11.80 13.18
N GLN A 4 -12.23 -11.39 11.94
CA GLN A 4 -10.99 -10.73 11.53
C GLN A 4 -10.73 -9.44 12.29
N TYR A 5 -11.83 -8.70 12.40
CA TYR A 5 -11.86 -7.41 13.08
C TYR A 5 -11.57 -7.54 14.58
N LEU A 6 -12.26 -8.43 15.32
CA LEU A 6 -12.00 -8.64 16.75
C LEU A 6 -10.60 -9.18 16.98
N GLU A 7 -10.07 -10.00 16.09
CA GLU A 7 -8.68 -10.44 16.18
C GLU A 7 -7.67 -9.29 16.06
N LEU A 8 -7.96 -8.32 15.21
CA LEU A 8 -7.12 -7.14 15.07
C LEU A 8 -7.13 -6.32 16.35
N MET A 9 -8.31 -6.03 16.94
CA MET A 9 -8.40 -5.28 18.19
C MET A 9 -7.54 -5.92 19.30
N GLN A 10 -7.64 -7.25 19.42
CA GLN A 10 -6.86 -8.03 20.36
C GLN A 10 -5.37 -7.97 20.04
N LYS A 11 -4.97 -7.98 18.77
CA LYS A 11 -3.55 -7.87 18.43
C LYS A 11 -3.00 -6.50 18.77
N VAL A 12 -3.70 -5.37 18.55
CA VAL A 12 -3.10 -4.10 18.92
C VAL A 12 -3.12 -4.01 20.45
N LEU A 13 -4.08 -4.58 21.17
CA LEU A 13 -4.00 -4.65 22.65
C LEU A 13 -2.85 -5.50 23.20
N ASP A 14 -2.59 -6.67 22.59
CA ASP A 14 -1.53 -7.55 23.03
C ASP A 14 -0.14 -7.17 22.57
N GLU A 15 -0.05 -6.50 21.43
CA GLU A 15 1.24 -6.13 20.88
C GLU A 15 1.49 -4.64 20.66
N GLY A 16 0.51 -3.78 20.84
CA GLY A 16 0.70 -2.38 20.55
C GLY A 16 1.61 -1.65 21.53
N THR A 17 2.26 -0.62 21.03
CA THR A 17 3.07 0.21 21.91
C THR A 17 2.39 1.56 22.08
N GLN A 18 2.54 2.23 23.23
CA GLN A 18 1.93 3.54 23.43
C GLN A 18 2.60 4.63 22.64
N LYS A 19 1.78 5.36 21.93
CA LYS A 19 2.26 6.44 21.09
C LYS A 19 1.57 7.77 21.33
N ASN A 20 2.34 8.85 21.25
CA ASN A 20 1.78 10.18 21.27
C ASN A 20 1.26 10.47 19.84
N ASP A 21 0.27 11.33 19.60
CA ASP A 21 -0.21 11.57 18.24
C ASP A 21 -0.61 13.02 17.97
N ARG A 22 -0.79 13.52 16.74
CA ARG A 22 -1.13 14.93 16.52
C ARG A 22 -2.32 15.52 17.29
N THR A 23 -3.33 14.68 17.58
CA THR A 23 -4.52 15.07 18.36
C THR A 23 -4.26 15.12 19.88
N GLY A 24 -3.04 14.81 20.34
CA GLY A 24 -2.70 14.78 21.76
C GLY A 24 -3.34 13.67 22.61
N THR A 25 -4.39 13.01 22.14
CA THR A 25 -5.11 11.93 22.85
C THR A 25 -4.32 10.70 23.34
N GLY A 26 -3.25 10.32 22.65
CA GLY A 26 -2.52 9.09 22.95
C GLY A 26 -3.14 7.84 22.35
N THR A 27 -2.36 6.94 21.76
CA THR A 27 -2.88 5.72 21.13
C THR A 27 -2.19 4.42 21.49
N LEU A 28 -2.82 3.24 21.49
CA LEU A 28 -2.06 1.98 21.43
C LEU A 28 -1.84 1.62 19.96
N SER A 29 -0.61 1.35 19.55
CA SER A 29 -0.28 1.19 18.15
C SER A 29 0.61 0.06 17.62
N ILE A 30 0.12 -0.61 16.58
CA ILE A 30 0.93 -1.59 15.85
C ILE A 30 1.18 -1.05 14.44
N PHE A 31 2.22 -1.52 13.77
CA PHE A 31 2.48 -1.17 12.37
C PHE A 31 2.53 -2.37 11.42
N GLY A 32 1.68 -2.34 10.40
CA GLY A 32 1.73 -3.40 9.41
C GLY A 32 0.77 -4.52 9.77
N HIS A 33 -0.34 -4.58 9.08
CA HIS A 33 -1.30 -5.69 9.29
C HIS A 33 -2.07 -5.98 8.01
N GLN A 34 -2.42 -7.23 7.76
CA GLN A 34 -3.27 -7.56 6.64
C GLN A 34 -4.35 -8.58 7.01
N MET A 35 -5.51 -8.38 6.38
CA MET A 35 -6.63 -9.27 6.52
C MET A 35 -7.52 -9.34 5.27
N ARG A 36 -8.17 -10.48 5.08
CA ARG A 36 -8.94 -10.78 3.90
C ARG A 36 -10.39 -11.10 4.22
N PHE A 37 -11.26 -10.48 3.46
CA PHE A 37 -12.71 -10.66 3.58
C PHE A 37 -13.20 -11.30 2.29
N ASN A 38 -13.72 -12.52 2.34
CA ASN A 38 -14.25 -13.14 1.13
C ASN A 38 -15.67 -12.64 0.98
N LEU A 39 -15.90 -11.74 0.01
CA LEU A 39 -17.21 -11.14 -0.13
C LEU A 39 -18.34 -12.07 -0.55
N GLN A 40 -18.02 -13.25 -1.07
CA GLN A 40 -19.02 -14.30 -1.26
C GLN A 40 -19.57 -14.83 0.07
N ASP A 41 -18.81 -14.85 1.18
CA ASP A 41 -19.34 -15.26 2.48
C ASP A 41 -20.39 -14.36 3.12
N GLY A 42 -20.42 -13.08 2.79
CA GLY A 42 -21.41 -12.16 3.34
C GLY A 42 -20.92 -10.71 3.27
N PHE A 43 -21.78 -9.71 3.42
CA PHE A 43 -21.34 -8.33 3.39
C PHE A 43 -20.61 -8.00 4.69
N PRO A 44 -19.39 -7.50 4.66
CA PRO A 44 -18.56 -7.34 5.85
C PRO A 44 -18.83 -6.08 6.69
N LEU A 45 -20.03 -6.02 7.23
CA LEU A 45 -20.48 -4.93 8.10
C LEU A 45 -20.46 -5.45 9.54
N VAL A 46 -19.66 -4.87 10.46
CA VAL A 46 -19.50 -5.45 11.79
C VAL A 46 -20.79 -5.66 12.57
N THR A 47 -20.88 -6.79 13.24
CA THR A 47 -22.08 -7.09 14.01
C THR A 47 -21.89 -7.01 15.54
N THR A 48 -20.67 -6.90 16.05
CA THR A 48 -20.48 -6.78 17.50
C THR A 48 -20.87 -5.43 18.09
N LYS A 49 -21.16 -4.42 17.26
CA LYS A 49 -21.84 -3.19 17.63
C LYS A 49 -22.71 -2.74 16.44
N ARG A 50 -23.73 -1.90 16.55
CA ARG A 50 -24.52 -1.44 15.41
C ARG A 50 -23.90 -0.33 14.56
N CYS A 51 -23.67 -0.60 13.28
CA CYS A 51 -23.13 0.45 12.41
C CYS A 51 -24.13 1.20 11.55
N HIS A 52 -23.92 2.48 11.33
CA HIS A 52 -24.85 3.27 10.53
C HIS A 52 -24.70 3.24 9.00
N LEU A 53 -25.17 2.21 8.28
CA LEU A 53 -25.15 2.15 6.79
C LEU A 53 -25.37 3.41 5.95
N ARG A 54 -26.34 4.22 6.34
CA ARG A 54 -26.67 5.47 5.66
C ARG A 54 -25.48 6.37 5.31
N SER A 55 -24.65 6.62 6.31
CA SER A 55 -23.46 7.47 6.16
C SER A 55 -22.39 6.82 5.31
N ILE A 56 -22.26 5.49 5.42
CA ILE A 56 -21.31 4.73 4.61
C ILE A 56 -21.67 4.84 3.14
N ILE A 57 -22.95 4.60 2.79
CA ILE A 57 -23.35 4.61 1.39
C ILE A 57 -23.30 6.03 0.83
N HIS A 58 -23.88 7.02 1.54
CA HIS A 58 -23.80 8.40 1.08
C HIS A 58 -22.40 8.95 0.99
N GLU A 59 -21.45 8.55 1.83
CA GLU A 59 -20.09 9.01 1.66
C GLU A 59 -19.45 8.41 0.40
N LEU A 60 -19.64 7.11 0.12
CA LEU A 60 -19.16 6.50 -1.14
C LEU A 60 -19.74 7.18 -2.39
N LEU A 61 -21.06 7.35 -2.47
CA LEU A 61 -21.72 8.06 -3.57
C LEU A 61 -21.16 9.48 -3.76
N TRP A 62 -20.89 10.20 -2.66
CA TRP A 62 -20.28 11.53 -2.66
C TRP A 62 -18.86 11.49 -3.25
N PHE A 63 -18.01 10.57 -2.80
CA PHE A 63 -16.68 10.36 -3.38
C PHE A 63 -16.74 10.14 -4.89
N LEU A 64 -17.61 9.23 -5.35
CA LEU A 64 -17.78 8.90 -6.77
C LEU A 64 -18.26 10.04 -7.66
N GLN A 65 -19.00 11.00 -7.10
CA GLN A 65 -19.31 12.21 -7.83
C GLN A 65 -18.15 13.19 -8.00
N GLY A 66 -17.02 13.07 -7.28
CA GLY A 66 -15.93 14.03 -7.35
C GLY A 66 -16.05 15.21 -6.38
N ASP A 67 -17.06 15.13 -5.51
CA ASP A 67 -17.39 16.17 -4.56
C ASP A 67 -16.53 16.21 -3.29
N THR A 68 -16.12 17.40 -2.91
CA THR A 68 -15.34 17.60 -1.67
C THR A 68 -15.92 18.61 -0.70
N ASN A 69 -17.19 18.98 -0.94
CA ASN A 69 -17.93 19.93 -0.13
C ASN A 69 -19.01 19.16 0.63
N ILE A 70 -19.21 19.39 1.91
CA ILE A 70 -20.19 18.63 2.70
C ILE A 70 -21.67 18.93 2.50
N ALA A 71 -22.07 19.92 1.70
CA ALA A 71 -23.48 20.23 1.42
C ALA A 71 -24.34 19.02 1.02
N TYR A 72 -23.86 18.16 0.12
CA TYR A 72 -24.52 16.92 -0.25
C TYR A 72 -24.79 16.04 0.98
N LEU A 73 -23.72 15.85 1.78
CA LEU A 73 -23.79 15.05 3.01
C LEU A 73 -24.81 15.63 3.99
N HIS A 74 -24.87 16.96 4.14
CA HIS A 74 -25.94 17.61 4.91
C HIS A 74 -27.35 17.41 4.35
N GLU A 75 -27.61 17.55 3.03
CA GLU A 75 -28.91 17.26 2.43
C GLU A 75 -29.41 15.85 2.79
N ASN A 76 -28.46 14.96 3.10
CA ASN A 76 -28.77 13.60 3.50
C ASN A 76 -28.57 13.21 4.95
N ASN A 77 -28.42 14.16 5.88
CA ASN A 77 -28.18 13.93 7.32
C ASN A 77 -26.91 13.22 7.75
N VAL A 78 -25.89 13.39 6.91
CA VAL A 78 -24.57 12.87 7.22
C VAL A 78 -23.67 14.02 7.69
N THR A 79 -23.33 13.86 8.96
CA THR A 79 -22.49 14.81 9.67
C THR A 79 -21.08 14.34 9.98
N ILE A 80 -20.68 13.12 9.60
CA ILE A 80 -19.35 12.57 9.85
C ILE A 80 -18.17 13.41 9.36
N TRP A 81 -18.30 14.29 8.37
CA TRP A 81 -17.19 15.15 7.95
C TRP A 81 -17.19 16.60 8.45
N ASP A 82 -18.10 17.01 9.34
CA ASP A 82 -18.24 18.41 9.77
C ASP A 82 -17.08 19.05 10.52
N GLU A 83 -16.40 18.34 11.42
CA GLU A 83 -15.26 18.92 12.13
C GLU A 83 -14.10 19.39 11.28
N TRP A 84 -13.95 18.83 10.09
CA TRP A 84 -12.80 19.10 9.25
C TRP A 84 -13.07 20.11 8.15
N ALA A 85 -14.35 20.37 7.92
CA ALA A 85 -14.80 21.30 6.89
C ALA A 85 -14.71 22.77 7.25
N ASP A 86 -14.27 23.62 6.34
CA ASP A 86 -14.24 25.03 6.63
C ASP A 86 -15.62 25.68 6.62
N GLU A 87 -15.63 26.98 6.87
CA GLU A 87 -16.80 27.86 6.84
C GLU A 87 -17.74 27.67 5.65
N ASN A 88 -17.20 27.37 4.46
CA ASN A 88 -18.00 27.08 3.26
C ASN A 88 -18.35 25.60 3.03
N GLY A 89 -18.21 24.73 4.02
CA GLY A 89 -18.45 23.29 3.86
C GLY A 89 -17.35 22.50 3.16
N ASP A 90 -16.25 23.15 2.81
CA ASP A 90 -15.15 22.55 2.06
C ASP A 90 -14.02 21.88 2.81
N LEU A 91 -13.62 20.74 2.25
CA LEU A 91 -12.52 19.94 2.77
C LEU A 91 -11.22 20.02 1.98
N GLY A 92 -11.20 20.72 0.83
CA GLY A 92 -9.99 20.79 0.01
C GLY A 92 -9.96 19.59 -0.94
N PRO A 93 -8.92 19.35 -1.74
CA PRO A 93 -8.84 18.31 -2.77
C PRO A 93 -8.74 16.89 -2.21
N VAL A 94 -9.64 16.46 -1.31
CA VAL A 94 -9.56 15.14 -0.72
C VAL A 94 -10.10 14.05 -1.65
N TYR A 95 -10.42 12.86 -1.17
CA TYR A 95 -10.78 11.68 -2.01
C TYR A 95 -11.56 11.87 -3.30
N GLY A 96 -12.74 12.48 -3.26
CA GLY A 96 -13.55 12.68 -4.47
C GLY A 96 -12.82 13.38 -5.62
N LYS A 97 -12.06 14.42 -5.32
CA LYS A 97 -11.35 15.17 -6.35
C LYS A 97 -10.19 14.36 -6.93
N GLN A 98 -9.42 13.63 -6.10
CA GLN A 98 -8.29 12.85 -6.61
C GLN A 98 -8.73 11.65 -7.46
N TRP A 99 -9.79 10.98 -7.00
CA TRP A 99 -10.42 9.87 -7.70
C TRP A 99 -10.95 10.19 -9.11
N ARG A 100 -11.57 11.37 -9.25
CA ARG A 100 -12.21 11.81 -10.49
C ARG A 100 -11.45 12.83 -11.33
N ALA A 101 -10.55 13.56 -10.72
CA ALA A 101 -9.85 14.62 -11.40
C ALA A 101 -8.45 14.93 -10.88
N TRP A 102 -7.57 13.92 -10.79
CA TRP A 102 -6.18 14.12 -10.37
C TRP A 102 -5.49 15.06 -11.36
N PRO A 103 -5.04 16.23 -10.90
CA PRO A 103 -4.35 17.21 -11.75
C PRO A 103 -2.93 16.87 -12.16
N THR A 104 -2.65 16.88 -13.45
CA THR A 104 -1.31 16.55 -13.93
C THR A 104 -0.44 17.80 -14.02
N PRO A 105 0.90 17.74 -14.18
CA PRO A 105 1.73 18.92 -14.46
C PRO A 105 1.37 19.71 -15.71
N ASP A 106 0.81 19.12 -16.76
CA ASP A 106 0.47 19.93 -17.91
C ASP A 106 -1.01 20.19 -18.21
N GLY A 107 -1.77 20.81 -17.30
CA GLY A 107 -3.17 21.15 -17.57
C GLY A 107 -4.24 20.07 -17.40
N ARG A 108 -3.97 18.86 -17.90
CA ARG A 108 -4.83 17.69 -17.77
C ARG A 108 -5.32 17.26 -16.40
N HIS A 109 -6.39 16.48 -16.42
CA HIS A 109 -6.97 15.86 -15.23
C HIS A 109 -7.31 14.40 -15.51
N ILE A 110 -6.84 13.49 -14.67
CA ILE A 110 -7.13 12.08 -14.86
C ILE A 110 -8.23 11.55 -13.94
N ASP A 111 -9.20 10.92 -14.57
CA ASP A 111 -10.29 10.29 -13.88
C ASP A 111 -9.90 8.82 -13.66
N GLN A 112 -9.47 8.57 -12.44
CA GLN A 112 -8.97 7.24 -12.09
C GLN A 112 -10.05 6.18 -11.99
N ILE A 113 -11.27 6.58 -11.69
CA ILE A 113 -12.38 5.64 -11.63
C ILE A 113 -12.77 5.18 -13.02
N THR A 114 -12.90 6.06 -14.02
CA THR A 114 -13.28 5.56 -15.34
C THR A 114 -12.10 4.84 -16.00
N THR A 115 -10.85 5.24 -15.75
CA THR A 115 -9.66 4.44 -16.15
C THR A 115 -9.72 3.03 -15.59
N VAL A 116 -9.96 2.80 -14.30
CA VAL A 116 -10.13 1.47 -13.69
C VAL A 116 -11.24 0.65 -14.33
N LEU A 117 -12.42 1.22 -14.56
CA LEU A 117 -13.48 0.55 -15.29
C LEU A 117 -13.07 0.15 -16.69
N ASN A 118 -12.43 1.01 -17.47
CA ASN A 118 -11.90 0.63 -18.78
C ASN A 118 -10.84 -0.49 -18.74
N GLN A 119 -9.91 -0.46 -17.76
CA GLN A 119 -8.98 -1.59 -17.55
C GLN A 119 -9.71 -2.88 -17.18
N LEU A 120 -10.70 -2.90 -16.29
CA LEU A 120 -11.39 -4.14 -15.95
C LEU A 120 -12.17 -4.77 -17.11
N LYS A 121 -12.66 -3.97 -18.03
CA LYS A 121 -13.32 -4.43 -19.25
C LYS A 121 -12.34 -4.95 -20.32
N ASN A 122 -11.39 -4.11 -20.73
CA ASN A 122 -10.45 -4.48 -21.80
C ASN A 122 -9.15 -5.19 -21.46
N ASP A 123 -8.73 -5.07 -20.21
CA ASP A 123 -7.45 -5.57 -19.76
C ASP A 123 -7.44 -6.10 -18.32
N PRO A 124 -8.37 -6.95 -17.86
CA PRO A 124 -8.49 -7.29 -16.45
C PRO A 124 -7.27 -7.97 -15.80
N ASP A 125 -6.33 -8.45 -16.61
CA ASP A 125 -5.09 -9.07 -16.14
C ASP A 125 -3.92 -8.10 -16.02
N SER A 126 -4.20 -6.82 -16.19
CA SER A 126 -3.21 -5.77 -15.91
C SER A 126 -2.83 -5.77 -14.43
N ARG A 127 -1.57 -5.47 -14.16
CA ARG A 127 -1.05 -5.34 -12.79
C ARG A 127 -1.06 -3.87 -12.32
N ARG A 128 -1.55 -2.98 -13.17
CA ARG A 128 -1.61 -1.54 -12.96
C ARG A 128 -3.01 -0.97 -12.65
N ILE A 129 -4.01 -1.75 -12.22
CA ILE A 129 -5.40 -1.25 -12.01
C ILE A 129 -5.49 -0.68 -10.60
N ILE A 130 -5.04 0.57 -10.53
CA ILE A 130 -4.84 1.29 -9.28
C ILE A 130 -5.50 2.65 -9.18
N VAL A 131 -6.05 2.99 -8.03
CA VAL A 131 -6.46 4.37 -7.74
C VAL A 131 -5.64 4.91 -6.55
N SER A 132 -5.04 6.07 -6.71
CA SER A 132 -4.34 6.73 -5.61
C SER A 132 -4.97 8.04 -5.14
N ALA A 133 -5.22 8.20 -3.86
CA ALA A 133 -5.61 9.49 -3.32
C ALA A 133 -4.39 10.26 -2.84
N TRP A 134 -3.22 9.65 -2.78
CA TRP A 134 -2.06 10.30 -2.24
C TRP A 134 -1.34 11.20 -3.22
N ASN A 135 -1.94 12.36 -3.45
CA ASN A 135 -1.35 13.37 -4.33
C ASN A 135 -0.44 14.26 -3.51
N VAL A 136 0.86 13.94 -3.51
CA VAL A 136 1.88 14.72 -2.79
C VAL A 136 1.84 16.23 -3.08
N GLY A 137 1.65 16.61 -4.34
CA GLY A 137 1.48 17.99 -4.72
C GLY A 137 0.30 18.69 -4.06
N GLU A 138 -0.80 18.01 -3.70
CA GLU A 138 -1.95 18.69 -3.11
C GLU A 138 -2.23 18.48 -1.63
N LEU A 139 -1.48 17.61 -0.96
CA LEU A 139 -1.62 17.34 0.48
C LEU A 139 -1.81 18.56 1.40
N ASP A 140 -1.11 19.67 1.13
CA ASP A 140 -1.20 20.85 2.00
C ASP A 140 -2.44 21.69 1.81
N LYS A 141 -3.23 21.34 0.80
CA LYS A 141 -4.51 22.00 0.57
C LYS A 141 -5.64 21.17 1.14
N MET A 142 -5.36 19.97 1.66
CA MET A 142 -6.38 19.08 2.18
C MET A 142 -6.69 19.30 3.65
N ALA A 143 -7.96 19.25 4.07
CA ALA A 143 -8.38 19.34 5.46
C ALA A 143 -7.71 18.33 6.40
N LEU A 144 -7.50 17.17 5.82
CA LEU A 144 -6.87 16.00 6.43
C LEU A 144 -6.17 15.18 5.33
N ALA A 145 -4.96 14.67 5.55
CA ALA A 145 -4.25 13.79 4.61
C ALA A 145 -4.98 12.46 4.37
N PRO A 146 -5.05 11.89 3.16
CA PRO A 146 -5.84 10.68 2.90
C PRO A 146 -5.54 9.48 3.79
N CYS A 147 -6.47 8.88 4.53
CA CYS A 147 -6.11 7.71 5.33
C CYS A 147 -6.17 6.44 4.51
N HIS A 148 -7.24 6.26 3.74
CA HIS A 148 -7.35 5.15 2.79
C HIS A 148 -6.82 5.73 1.50
N ALA A 149 -5.52 5.49 1.39
CA ALA A 149 -4.68 6.18 0.44
C ALA A 149 -4.46 5.66 -0.96
N PHE A 150 -4.56 4.35 -1.12
CA PHE A 150 -4.11 3.68 -2.33
C PHE A 150 -4.82 2.34 -2.40
N PHE A 151 -5.37 1.96 -3.55
CA PHE A 151 -5.99 0.65 -3.70
C PHE A 151 -5.84 0.06 -5.08
N GLN A 152 -5.92 -1.26 -5.13
CA GLN A 152 -5.64 -2.01 -6.33
C GLN A 152 -6.66 -3.10 -6.63
N PHE A 153 -7.14 -3.20 -7.87
CA PHE A 153 -8.05 -4.28 -8.25
C PHE A 153 -7.30 -5.43 -8.96
N TYR A 154 -7.88 -6.61 -8.86
CA TYR A 154 -7.32 -7.82 -9.45
C TYR A 154 -8.45 -8.75 -9.86
N VAL A 155 -8.30 -9.42 -11.00
CA VAL A 155 -9.34 -10.34 -11.45
C VAL A 155 -8.72 -11.73 -11.60
N ALA A 156 -9.41 -12.76 -11.14
CA ALA A 156 -8.93 -14.11 -11.37
C ALA A 156 -9.94 -15.07 -11.98
N ASP A 157 -10.72 -15.84 -11.25
CA ASP A 157 -11.57 -16.83 -11.89
C ASP A 157 -12.97 -16.23 -12.04
N GLY A 158 -13.04 -15.17 -12.84
CA GLY A 158 -14.29 -14.40 -13.03
C GLY A 158 -14.69 -13.52 -11.82
N LYS A 159 -13.78 -13.38 -10.86
CA LYS A 159 -14.02 -12.66 -9.63
C LYS A 159 -13.20 -11.38 -9.44
N LEU A 160 -13.83 -10.32 -8.98
CA LEU A 160 -13.14 -9.07 -8.66
C LEU A 160 -12.67 -8.96 -7.23
N SER A 161 -11.39 -8.73 -7.07
CA SER A 161 -10.79 -8.52 -5.76
C SER A 161 -10.19 -7.14 -5.68
N CYS A 162 -9.91 -6.72 -4.46
CA CYS A 162 -9.42 -5.37 -4.22
C CYS A 162 -8.56 -5.32 -2.98
N GLN A 163 -7.40 -4.67 -3.02
CA GLN A 163 -6.61 -4.53 -1.83
C GLN A 163 -6.48 -3.06 -1.52
N LEU A 164 -6.75 -2.66 -0.28
CA LEU A 164 -6.54 -1.29 0.15
C LEU A 164 -5.34 -1.14 1.09
N TYR A 165 -4.52 -0.14 0.82
CA TYR A 165 -3.52 0.30 1.78
C TYR A 165 -4.06 1.53 2.54
N GLN A 166 -4.26 1.33 3.82
CA GLN A 166 -4.68 2.40 4.71
C GLN A 166 -3.50 2.82 5.57
N ARG A 167 -3.00 4.05 5.43
CA ARG A 167 -1.79 4.46 6.16
C ARG A 167 -1.94 4.72 7.65
N SER A 168 -3.14 5.16 8.01
CA SER A 168 -3.52 5.44 9.38
C SER A 168 -4.93 4.93 9.64
N CYS A 169 -5.08 4.21 10.74
CA CYS A 169 -6.36 3.58 11.03
C CYS A 169 -6.82 3.63 12.46
N ASP A 170 -7.91 4.31 12.70
CA ASP A 170 -8.57 4.30 14.00
C ASP A 170 -9.42 3.04 13.98
N VAL A 171 -8.90 2.01 14.65
CA VAL A 171 -9.51 0.69 14.64
C VAL A 171 -10.93 0.65 15.18
N PHE A 172 -11.24 1.43 16.22
CA PHE A 172 -12.58 1.39 16.82
C PHE A 172 -13.62 2.16 16.02
N LEU A 173 -13.29 3.39 15.63
CA LEU A 173 -14.26 4.27 14.98
C LEU A 173 -14.24 4.28 13.44
N GLY A 174 -13.08 4.34 12.82
CA GLY A 174 -13.01 4.43 11.37
C GLY A 174 -13.02 3.11 10.61
N LEU A 175 -12.27 2.11 11.08
CA LEU A 175 -12.19 0.85 10.35
C LEU A 175 -13.51 0.12 10.05
N PRO A 176 -14.55 0.00 10.89
CA PRO A 176 -15.86 -0.54 10.49
C PRO A 176 -16.47 0.15 9.24
N PHE A 177 -16.26 1.47 9.20
CA PHE A 177 -16.69 2.33 8.11
C PHE A 177 -15.90 2.06 6.83
N ASN A 178 -14.56 2.08 6.94
CA ASN A 178 -13.70 1.83 5.81
C ASN A 178 -13.86 0.45 5.17
N ILE A 179 -14.09 -0.65 5.89
CA ILE A 179 -14.20 -1.89 5.14
C ILE A 179 -15.57 -2.05 4.49
N ALA A 180 -16.69 -1.57 5.06
CA ALA A 180 -18.00 -1.65 4.39
C ALA A 180 -18.09 -0.77 3.14
N SER A 181 -17.42 0.38 3.15
CA SER A 181 -17.32 1.32 2.03
C SER A 181 -16.60 0.73 0.83
N TYR A 182 -15.45 0.11 1.08
CA TYR A 182 -14.71 -0.56 0.03
C TYR A 182 -15.37 -1.84 -0.47
N ALA A 183 -15.96 -2.66 0.39
CA ALA A 183 -16.74 -3.84 -0.02
C ALA A 183 -17.93 -3.48 -0.89
N LEU A 184 -18.57 -2.36 -0.55
CA LEU A 184 -19.60 -1.77 -1.39
C LEU A 184 -19.07 -1.33 -2.77
N LEU A 185 -17.90 -0.67 -2.85
CA LEU A 185 -17.33 -0.27 -4.13
C LEU A 185 -16.98 -1.49 -4.99
N VAL A 186 -16.48 -2.56 -4.37
CA VAL A 186 -16.18 -3.79 -5.09
C VAL A 186 -17.46 -4.43 -5.63
N HIS A 187 -18.60 -4.44 -4.93
CA HIS A 187 -19.87 -4.91 -5.52
C HIS A 187 -20.37 -4.03 -6.66
N MET A 188 -20.23 -2.72 -6.55
CA MET A 188 -20.66 -1.80 -7.60
C MET A 188 -19.83 -2.00 -8.86
N MET A 189 -18.50 -2.12 -8.73
CA MET A 189 -17.60 -2.34 -9.85
C MET A 189 -17.84 -3.70 -10.50
N ALA A 190 -17.99 -4.77 -9.72
CA ALA A 190 -18.26 -6.11 -10.25
C ALA A 190 -19.58 -6.14 -11.01
N GLN A 191 -20.64 -5.52 -10.47
CA GLN A 191 -21.91 -5.42 -11.16
C GLN A 191 -21.78 -4.70 -12.51
N GLN A 192 -20.99 -3.62 -12.56
CA GLN A 192 -20.76 -2.91 -13.81
C GLN A 192 -19.94 -3.72 -14.82
N CYS A 193 -18.97 -4.51 -14.38
CA CYS A 193 -18.14 -5.31 -15.30
C CYS A 193 -18.58 -6.75 -15.49
N ASP A 194 -19.79 -7.14 -15.07
CA ASP A 194 -20.27 -8.52 -15.15
C ASP A 194 -19.34 -9.56 -14.52
N LEU A 195 -18.70 -9.17 -13.44
CA LEU A 195 -17.82 -10.05 -12.70
C LEU A 195 -18.50 -10.50 -11.40
N GLU A 196 -18.12 -11.60 -10.79
CA GLU A 196 -18.61 -11.92 -9.47
C GLU A 196 -17.69 -11.30 -8.41
N VAL A 197 -18.07 -11.19 -7.15
CA VAL A 197 -17.17 -10.65 -6.14
C VAL A 197 -16.19 -11.66 -5.57
N GLY A 198 -14.94 -11.23 -5.43
CA GLY A 198 -13.91 -12.04 -4.81
C GLY A 198 -13.60 -11.57 -3.40
N ASP A 199 -12.34 -11.23 -3.21
CA ASP A 199 -11.79 -10.79 -1.94
C ASP A 199 -11.55 -9.30 -1.72
N PHE A 200 -11.87 -8.79 -0.53
CA PHE A 200 -11.38 -7.48 -0.13
C PHE A 200 -10.23 -7.70 0.85
N VAL A 201 -9.03 -7.33 0.41
CA VAL A 201 -7.85 -7.40 1.27
C VAL A 201 -7.54 -6.04 1.92
N TRP A 202 -7.63 -5.94 3.23
CA TRP A 202 -7.27 -4.74 3.96
C TRP A 202 -5.82 -4.79 4.49
N THR A 203 -5.02 -3.80 4.13
CA THR A 203 -3.66 -3.69 4.67
C THR A 203 -3.47 -2.35 5.39
N GLY A 204 -3.01 -2.39 6.64
CA GLY A 204 -2.79 -1.18 7.39
C GLY A 204 -1.35 -0.84 7.76
N GLY A 205 -1.05 0.46 7.73
CA GLY A 205 0.20 1.00 8.19
C GLY A 205 0.09 1.22 9.70
N ASP A 206 -0.05 2.47 10.20
CA ASP A 206 -0.21 2.72 11.63
C ASP A 206 -1.65 2.42 12.02
N THR A 207 -1.78 1.25 12.62
CA THR A 207 -3.07 0.70 13.01
C THR A 207 -3.21 0.85 14.52
N HIS A 208 -4.21 1.62 14.90
CA HIS A 208 -4.31 2.05 16.31
C HIS A 208 -5.65 2.15 17.01
N LEU A 209 -5.56 2.05 18.33
CA LEU A 209 -6.67 2.22 19.23
C LEU A 209 -6.42 3.47 20.09
N TYR A 210 -7.31 4.45 20.16
CA TYR A 210 -7.11 5.62 21.01
C TYR A 210 -7.28 5.31 22.50
N SER A 211 -6.50 5.88 23.41
CA SER A 211 -6.62 5.68 24.87
C SER A 211 -8.03 5.76 25.46
N ASN A 212 -8.79 6.78 25.07
CA ASN A 212 -10.18 6.94 25.46
C ASN A 212 -11.16 6.01 24.72
N HIS A 213 -10.68 4.91 24.13
CA HIS A 213 -11.54 3.90 23.50
C HIS A 213 -11.35 2.52 24.13
N MET A 214 -10.46 2.36 25.10
CA MET A 214 -10.21 1.07 25.72
C MET A 214 -11.38 0.33 26.40
N ASP A 215 -12.28 0.95 27.16
CA ASP A 215 -13.39 0.22 27.75
C ASP A 215 -14.42 -0.21 26.70
N GLN A 216 -14.76 0.67 25.75
CA GLN A 216 -15.57 0.32 24.57
C GLN A 216 -15.00 -0.88 23.80
N THR A 217 -13.70 -0.87 23.53
CA THR A 217 -13.01 -1.99 22.89
C THR A 217 -13.14 -3.28 23.68
N HIS A 218 -12.83 -3.37 24.98
CA HIS A 218 -13.01 -4.62 25.73
C HIS A 218 -14.48 -5.00 25.85
N LEU A 219 -15.40 -4.04 25.83
CA LEU A 219 -16.84 -4.30 25.82
C LEU A 219 -17.26 -5.02 24.53
N GLN A 220 -16.89 -4.47 23.36
CA GLN A 220 -17.13 -5.10 22.08
C GLN A 220 -16.50 -6.50 21.93
N LEU A 221 -15.26 -6.55 22.39
CA LEU A 221 -14.47 -7.78 22.36
C LEU A 221 -15.01 -8.94 23.20
N SER A 222 -15.94 -8.65 24.10
CA SER A 222 -16.62 -9.67 24.91
C SER A 222 -17.89 -10.21 24.23
N ARG A 223 -18.18 -9.77 23.01
CA ARG A 223 -19.36 -10.19 22.28
C ARG A 223 -19.06 -11.17 21.13
N GLU A 224 -19.88 -12.20 20.98
CA GLU A 224 -19.73 -13.15 19.88
C GLU A 224 -20.23 -12.53 18.56
N PRO A 225 -19.50 -12.55 17.43
CA PRO A 225 -19.96 -12.09 16.13
C PRO A 225 -21.26 -12.77 15.70
N ARG A 226 -22.19 -12.03 15.13
CA ARG A 226 -23.38 -12.66 14.61
C ARG A 226 -23.24 -13.08 13.12
N PRO A 227 -24.18 -13.81 12.50
CA PRO A 227 -24.30 -13.94 11.05
C PRO A 227 -24.14 -12.63 10.29
N LEU A 228 -23.16 -12.66 9.41
CA LEU A 228 -22.86 -11.59 8.48
C LEU A 228 -24.00 -11.24 7.50
N PRO A 229 -24.38 -9.97 7.35
CA PRO A 229 -25.49 -9.54 6.50
C PRO A 229 -25.33 -9.83 5.00
N LYS A 230 -26.34 -9.60 4.16
CA LYS A 230 -26.24 -9.86 2.73
C LYS A 230 -26.57 -8.61 1.94
N LEU A 231 -25.83 -8.29 0.89
CA LEU A 231 -26.15 -7.09 0.11
C LEU A 231 -27.00 -7.37 -1.13
N ILE A 232 -28.16 -6.76 -1.27
CA ILE A 232 -28.97 -6.95 -2.47
C ILE A 232 -29.00 -5.64 -3.25
N ILE A 233 -28.44 -5.61 -4.45
CA ILE A 233 -28.55 -4.44 -5.32
C ILE A 233 -29.76 -4.65 -6.24
N LYS A 234 -30.73 -3.77 -6.13
CA LYS A 234 -31.98 -3.85 -6.88
C LYS A 234 -32.03 -3.37 -8.33
N ARG A 235 -30.90 -2.95 -8.87
CA ARG A 235 -30.84 -2.31 -10.18
C ARG A 235 -29.41 -2.32 -10.74
N LYS A 236 -29.27 -2.38 -12.05
CA LYS A 236 -27.96 -2.24 -12.73
C LYS A 236 -27.93 -0.90 -13.48
N PRO A 237 -27.51 0.20 -12.85
CA PRO A 237 -27.42 1.51 -13.47
C PRO A 237 -26.55 1.56 -14.74
N GLU A 238 -26.69 2.57 -15.60
CA GLU A 238 -25.87 2.71 -16.80
C GLU A 238 -24.38 2.91 -16.58
N SER A 239 -24.04 3.46 -15.43
CA SER A 239 -22.66 3.69 -15.07
C SER A 239 -22.48 3.62 -13.56
N ILE A 240 -21.24 3.43 -13.13
CA ILE A 240 -20.86 3.46 -11.73
C ILE A 240 -21.27 4.76 -11.03
N PHE A 241 -21.47 5.87 -11.77
CA PHE A 241 -21.84 7.19 -11.23
C PHE A 241 -23.33 7.46 -11.05
N ASP A 242 -24.13 6.49 -11.51
CA ASP A 242 -25.58 6.57 -11.47
C ASP A 242 -26.26 5.71 -10.41
N TYR A 243 -25.55 5.30 -9.36
CA TYR A 243 -26.19 4.56 -8.31
C TYR A 243 -26.91 5.50 -7.35
N ARG A 244 -27.94 5.03 -6.68
CA ARG A 244 -28.66 5.87 -5.72
C ARG A 244 -28.79 5.07 -4.43
N PHE A 245 -28.88 5.74 -3.28
CA PHE A 245 -29.08 5.08 -2.00
C PHE A 245 -30.11 3.92 -1.99
N GLU A 246 -31.26 4.17 -2.60
CA GLU A 246 -32.35 3.18 -2.67
C GLU A 246 -32.06 1.92 -3.45
N ASP A 247 -31.02 1.91 -4.28
CA ASP A 247 -30.68 0.71 -5.03
C ASP A 247 -30.11 -0.38 -4.15
N PHE A 248 -29.70 -0.06 -2.93
CA PHE A 248 -29.06 -1.03 -2.05
C PHE A 248 -29.95 -1.45 -0.90
N GLU A 249 -29.98 -2.74 -0.63
CA GLU A 249 -30.73 -3.30 0.48
C GLU A 249 -29.82 -4.18 1.32
N ILE A 250 -29.74 -4.04 2.65
CA ILE A 250 -28.98 -4.97 3.46
C ILE A 250 -29.98 -5.93 4.12
N GLU A 251 -29.73 -7.21 3.98
CA GLU A 251 -30.59 -8.26 4.52
C GLU A 251 -29.95 -9.05 5.62
N GLY A 252 -30.66 -9.33 6.71
CA GLY A 252 -30.11 -10.17 7.77
C GLY A 252 -29.12 -9.45 8.69
N TYR A 253 -29.24 -8.14 8.90
CA TYR A 253 -28.33 -7.46 9.80
C TYR A 253 -28.97 -7.34 11.20
N ASP A 254 -28.46 -8.19 12.09
CA ASP A 254 -28.90 -8.24 13.48
C ASP A 254 -27.75 -7.97 14.47
N PRO A 255 -27.36 -6.71 14.66
CA PRO A 255 -26.18 -6.36 15.44
C PRO A 255 -26.37 -6.27 16.97
N HIS A 256 -25.28 -6.41 17.72
CA HIS A 256 -25.31 -6.14 19.15
C HIS A 256 -25.57 -4.63 19.39
N PRO A 257 -25.91 -4.09 20.58
CA PRO A 257 -26.15 -2.66 20.78
C PRO A 257 -25.02 -1.75 20.34
N GLY A 258 -25.32 -0.57 19.82
CA GLY A 258 -24.29 0.41 19.47
C GLY A 258 -23.45 0.79 20.70
N ILE A 259 -22.22 1.21 20.46
CA ILE A 259 -21.31 1.63 21.54
C ILE A 259 -20.81 3.02 21.18
N LYS A 260 -21.09 4.06 21.95
CA LYS A 260 -20.55 5.39 21.62
C LYS A 260 -19.14 5.64 22.12
N ALA A 261 -18.39 6.39 21.31
CA ALA A 261 -17.03 6.75 21.63
C ALA A 261 -16.66 8.09 21.01
N PRO A 262 -15.86 8.95 21.65
CA PRO A 262 -15.47 10.24 21.12
C PRO A 262 -14.51 10.20 19.94
N VAL A 263 -14.61 11.18 19.06
CA VAL A 263 -13.72 11.29 17.90
C VAL A 263 -12.49 12.12 18.28
N ALA A 264 -11.28 11.70 17.95
CA ALA A 264 -10.10 12.54 18.13
C ALA A 264 -10.01 13.68 17.11
N ILE A 265 -9.67 14.85 17.61
CA ILE A 265 -9.57 16.09 16.84
C ILE A 265 -8.58 16.22 15.69
C FMT B 1 16.97 -17.65 2.20
O1 FMT B 1 17.82 -17.05 2.85
O2 FMT B 1 16.96 -17.53 0.97
N MET B 2 15.73 -17.23 2.34
CA MET B 2 15.12 -17.13 3.67
C MET B 2 13.73 -17.74 3.82
N LYS B 3 13.35 -18.16 5.02
CA LYS B 3 12.10 -18.91 5.22
C LYS B 3 10.80 -18.20 4.84
N GLN B 4 10.62 -16.90 5.13
CA GLN B 4 9.45 -16.13 4.67
C GLN B 4 9.34 -16.13 3.14
N TYR B 5 10.45 -15.87 2.46
CA TYR B 5 10.54 -15.85 1.00
C TYR B 5 10.22 -17.21 0.36
N LEU B 6 10.90 -18.28 0.78
CA LEU B 6 10.62 -19.63 0.30
C LEU B 6 9.19 -20.04 0.56
N GLU B 7 8.60 -19.63 1.70
CA GLU B 7 7.18 -19.90 1.93
C GLU B 7 6.28 -19.22 0.91
N LEU B 8 6.55 -17.96 0.55
CA LEU B 8 5.78 -17.28 -0.50
C LEU B 8 5.97 -17.98 -1.86
N MET B 9 7.18 -18.37 -2.28
CA MET B 9 7.38 -19.17 -3.50
C MET B 9 6.51 -20.43 -3.53
N GLN B 10 6.52 -21.21 -2.45
CA GLN B 10 5.66 -22.40 -2.36
C GLN B 10 4.17 -22.08 -2.43
N LYS B 11 3.75 -20.97 -1.80
CA LYS B 11 2.37 -20.50 -1.89
C LYS B 11 1.96 -20.14 -3.32
N VAL B 12 2.81 -19.49 -4.13
CA VAL B 12 2.44 -19.18 -5.51
C VAL B 12 2.34 -20.47 -6.37
N LEU B 13 3.26 -21.42 -6.21
CA LEU B 13 3.12 -22.73 -6.88
C LEU B 13 1.91 -23.52 -6.41
N ASP B 14 1.57 -23.55 -5.12
CA ASP B 14 0.38 -24.28 -4.67
C ASP B 14 -0.97 -23.63 -4.93
N GLU B 15 -1.03 -22.32 -4.81
CA GLU B 15 -2.29 -21.57 -4.91
C GLU B 15 -2.49 -20.68 -6.12
N GLY B 16 -1.42 -20.35 -6.85
CA GLY B 16 -1.47 -19.41 -7.97
C GLY B 16 -2.41 -19.71 -9.13
N THR B 17 -3.01 -18.67 -9.69
CA THR B 17 -3.86 -18.84 -10.86
C THR B 17 -3.05 -18.50 -12.08
N GLN B 18 -3.15 -19.32 -13.10
CA GLN B 18 -2.46 -19.04 -14.33
C GLN B 18 -3.08 -17.87 -15.10
N LYS B 19 -2.22 -16.89 -15.38
CA LYS B 19 -2.59 -15.70 -16.12
C LYS B 19 -1.77 -15.42 -17.37
N ASN B 20 -2.40 -14.78 -18.34
CA ASN B 20 -1.71 -14.31 -19.52
C ASN B 20 -1.24 -12.90 -19.15
N ASP B 21 0.03 -12.57 -19.33
CA ASP B 21 0.51 -11.25 -18.96
C ASP B 21 0.93 -10.44 -20.18
N ARG B 22 1.20 -9.14 -20.07
CA ARG B 22 1.58 -8.31 -21.21
C ARG B 22 2.72 -8.77 -22.12
N THR B 23 3.59 -9.65 -21.62
CA THR B 23 4.70 -10.21 -22.41
C THR B 23 4.36 -11.49 -23.16
N GLY B 24 3.20 -12.08 -22.88
CA GLY B 24 2.82 -13.39 -23.43
C GLY B 24 3.67 -14.55 -22.91
N THR B 25 4.36 -14.37 -21.78
CA THR B 25 5.17 -15.44 -21.17
C THR B 25 4.33 -16.42 -20.36
N GLY B 26 3.29 -15.90 -19.71
CA GLY B 26 2.54 -16.70 -18.76
C GLY B 26 3.06 -16.52 -17.32
N THR B 27 2.15 -16.61 -16.39
CA THR B 27 2.45 -16.37 -14.98
C THR B 27 1.62 -17.23 -14.00
N LEU B 28 2.18 -17.68 -12.87
CA LEU B 28 1.32 -18.19 -11.80
C LEU B 28 1.21 -17.05 -10.78
N SER B 29 -0.02 -16.72 -10.46
CA SER B 29 -0.33 -15.52 -9.70
C SER B 29 -1.24 -15.57 -8.46
N ILE B 30 -0.84 -14.85 -7.41
CA ILE B 30 -1.70 -14.64 -6.26
C ILE B 30 -1.82 -13.15 -6.01
N PHE B 31 -2.85 -12.72 -5.28
CA PHE B 31 -3.03 -11.31 -4.96
C PHE B 31 -3.14 -11.07 -3.45
N GLY B 32 -2.35 -10.16 -2.91
CA GLY B 32 -2.43 -9.90 -1.49
C GLY B 32 -1.59 -10.84 -0.63
N HIS B 33 -0.41 -10.35 -0.28
CA HIS B 33 0.47 -11.09 0.61
C HIS B 33 1.32 -10.14 1.45
N GLN B 34 1.64 -10.46 2.71
CA GLN B 34 2.51 -9.64 3.54
C GLN B 34 3.58 -10.47 4.24
N MET B 35 4.76 -9.92 4.41
CA MET B 35 5.86 -10.60 5.08
C MET B 35 6.58 -9.59 5.98
N ARG B 36 7.08 -10.08 7.09
CA ARG B 36 7.73 -9.24 8.07
C ARG B 36 9.17 -9.64 8.31
N PHE B 37 10.05 -8.68 8.21
CA PHE B 37 11.45 -8.91 8.47
C PHE B 37 12.00 -8.09 9.61
N ASN B 38 12.26 -8.72 10.75
CA ASN B 38 12.90 -8.04 11.85
C ASN B 38 14.38 -7.76 11.54
N LEU B 39 14.76 -6.50 11.27
CA LEU B 39 16.12 -6.16 10.90
C LEU B 39 17.15 -6.27 12.02
N GLN B 40 16.69 -6.39 13.27
CA GLN B 40 17.57 -6.70 14.39
C GLN B 40 18.14 -8.10 14.18
N ASP B 41 17.37 -9.04 13.61
CA ASP B 41 17.81 -10.42 13.37
C ASP B 41 18.74 -10.65 12.18
N GLY B 42 19.16 -9.61 11.46
CA GLY B 42 20.04 -9.79 10.31
C GLY B 42 19.62 -9.07 9.03
N PHE B 43 20.54 -8.89 8.08
CA PHE B 43 20.18 -8.25 6.83
C PHE B 43 19.41 -9.22 5.93
N PRO B 44 18.17 -8.95 5.46
CA PRO B 44 17.39 -9.88 4.64
C PRO B 44 17.86 -10.06 3.20
N LEU B 45 19.09 -10.54 3.03
CA LEU B 45 19.65 -10.83 1.71
C LEU B 45 19.51 -12.33 1.47
N VAL B 46 18.72 -12.86 0.52
CA VAL B 46 18.57 -14.31 0.38
C VAL B 46 19.88 -15.09 0.28
N THR B 47 19.84 -16.23 0.96
CA THR B 47 20.99 -17.12 1.03
C THR B 47 20.79 -18.38 0.20
N THR B 48 19.57 -18.71 -0.23
CA THR B 48 19.36 -19.89 -1.07
C THR B 48 19.75 -19.72 -2.53
N LYS B 49 20.24 -18.56 -2.90
CA LYS B 49 20.92 -18.33 -4.18
C LYS B 49 21.82 -17.11 -3.98
N ARG B 50 22.96 -17.00 -4.66
CA ARG B 50 23.82 -15.83 -4.48
C ARG B 50 23.30 -14.54 -5.11
N CYS B 51 22.95 -13.60 -4.26
CA CYS B 51 22.53 -12.29 -4.75
C CYS B 51 23.68 -11.33 -5.01
N HIS B 52 23.56 -10.45 -5.99
CA HIS B 52 24.67 -9.54 -6.30
C HIS B 52 24.41 -8.12 -5.76
N LEU B 53 24.89 -7.91 -4.54
CA LEU B 53 24.73 -6.65 -3.81
C LEU B 53 25.17 -5.35 -4.52
N ARG B 54 26.18 -5.33 -5.39
CA ARG B 54 26.59 -4.07 -6.02
C ARG B 54 25.60 -3.40 -6.98
N SER B 55 24.72 -4.19 -7.58
CA SER B 55 23.64 -3.66 -8.42
C SER B 55 22.55 -3.07 -7.52
N ILE B 56 22.19 -3.78 -6.44
CA ILE B 56 21.23 -3.33 -5.43
C ILE B 56 21.64 -1.98 -4.81
N ILE B 57 22.82 -1.88 -4.21
CA ILE B 57 23.24 -0.59 -3.67
C ILE B 57 23.48 0.49 -4.72
N HIS B 58 24.03 0.27 -5.93
CA HIS B 58 24.15 1.36 -6.91
C HIS B 58 22.82 1.90 -7.41
N GLU B 59 21.83 1.01 -7.61
CA GLU B 59 20.48 1.43 -7.98
C GLU B 59 19.86 2.33 -6.91
N LEU B 60 19.87 1.93 -5.63
CA LEU B 60 19.39 2.78 -4.55
C LEU B 60 20.09 4.13 -4.43
N LEU B 61 21.43 4.20 -4.52
CA LEU B 61 22.13 5.48 -4.50
C LEU B 61 21.78 6.32 -5.70
N TRP B 62 21.56 5.68 -6.86
CA TRP B 62 21.01 6.32 -8.06
C TRP B 62 19.61 6.93 -7.78
N PHE B 63 18.68 6.23 -7.14
CA PHE B 63 17.38 6.77 -6.73
C PHE B 63 17.49 8.00 -5.82
N LEU B 64 18.26 7.93 -4.73
CA LEU B 64 18.42 9.07 -3.82
C LEU B 64 19.11 10.29 -4.41
N GLN B 65 19.86 10.13 -5.51
CA GLN B 65 20.41 11.31 -6.16
C GLN B 65 19.41 12.02 -7.09
N GLY B 66 18.23 11.41 -7.30
CA GLY B 66 17.16 11.95 -8.14
C GLY B 66 17.35 11.73 -9.63
N ASP B 67 18.10 10.70 -9.99
CA ASP B 67 18.48 10.48 -11.36
C ASP B 67 17.67 9.43 -12.11
N THR B 68 17.19 9.73 -13.32
CA THR B 68 16.47 8.74 -14.12
C THR B 68 17.18 8.29 -15.41
N ASN B 69 18.49 8.50 -15.48
CA ASN B 69 19.27 8.07 -16.65
C ASN B 69 20.26 6.96 -16.29
N ILE B 70 20.34 5.87 -17.04
CA ILE B 70 21.24 4.79 -16.69
C ILE B 70 22.75 5.05 -16.81
N ALA B 71 23.21 6.24 -17.21
CA ALA B 71 24.63 6.56 -17.29
C ALA B 71 25.38 6.27 -15.98
N TYR B 72 25.00 6.81 -14.81
CA TYR B 72 25.62 6.46 -13.53
C TYR B 72 25.71 4.95 -13.32
N LEU B 73 24.64 4.24 -13.64
CA LEU B 73 24.63 2.79 -13.53
C LEU B 73 25.61 2.12 -14.49
N HIS B 74 25.82 2.71 -15.66
CA HIS B 74 26.80 2.19 -16.61
C HIS B 74 28.23 2.42 -16.15
N GLU B 75 28.53 3.58 -15.55
CA GLU B 75 29.84 3.85 -14.98
C GLU B 75 30.22 2.80 -13.94
N ASN B 76 29.20 2.32 -13.24
CA ASN B 76 29.39 1.26 -12.26
C ASN B 76 29.12 -0.19 -12.71
N ASN B 77 29.15 -0.46 -14.01
CA ASN B 77 28.87 -1.78 -14.58
C ASN B 77 27.54 -2.45 -14.24
N VAL B 78 26.55 -1.69 -13.78
CA VAL B 78 25.24 -2.27 -13.52
C VAL B 78 24.22 -2.04 -14.66
N THR B 79 23.92 -3.24 -15.09
CA THR B 79 23.11 -3.53 -16.27
C THR B 79 21.59 -3.71 -16.18
N ILE B 80 21.04 -3.83 -14.96
CA ILE B 80 19.60 -4.05 -14.72
C ILE B 80 18.55 -3.21 -15.47
N TRP B 81 18.80 -1.93 -15.69
CA TRP B 81 17.86 -1.09 -16.42
C TRP B 81 18.11 -0.93 -17.91
N ASP B 82 19.01 -1.72 -18.48
CA ASP B 82 19.36 -1.58 -19.90
C ASP B 82 18.27 -1.64 -20.96
N GLU B 83 17.42 -2.66 -20.95
CA GLU B 83 16.38 -2.74 -21.98
C GLU B 83 15.08 -1.92 -21.76
N TRP B 84 15.11 -0.94 -20.86
CA TRP B 84 13.99 0.00 -20.67
C TRP B 84 14.36 1.46 -20.92
N ALA B 85 15.63 1.73 -21.20
CA ALA B 85 16.06 3.09 -21.46
C ALA B 85 15.95 3.53 -22.92
N ASP B 86 15.52 4.76 -23.23
CA ASP B 86 15.51 5.23 -24.63
C ASP B 86 16.92 5.35 -25.24
N GLU B 87 17.12 5.69 -26.52
CA GLU B 87 18.48 5.79 -27.11
C GLU B 87 19.46 6.70 -26.35
N ASN B 88 18.95 7.71 -25.64
CA ASN B 88 19.79 8.56 -24.80
C ASN B 88 19.96 8.09 -23.34
N GLY B 89 19.68 6.83 -23.01
CA GLY B 89 19.80 6.34 -21.64
C GLY B 89 18.71 6.73 -20.62
N ASP B 90 17.71 7.52 -21.00
CA ASP B 90 16.60 7.92 -20.11
C ASP B 90 15.39 6.98 -19.95
N LEU B 91 14.87 6.89 -18.72
CA LEU B 91 13.67 6.11 -18.42
C LEU B 91 12.40 6.92 -18.15
N GLY B 92 12.48 8.24 -18.32
CA GLY B 92 11.38 9.14 -18.02
C GLY B 92 11.28 9.46 -16.53
N PRO B 93 10.28 10.12 -15.95
CA PRO B 93 10.28 10.51 -14.54
C PRO B 93 10.00 9.35 -13.59
N VAL B 94 10.80 8.28 -13.60
CA VAL B 94 10.58 7.17 -12.69
C VAL B 94 11.08 7.46 -11.27
N TYR B 95 11.19 6.45 -10.41
CA TYR B 95 11.55 6.56 -9.00
C TYR B 95 12.36 7.75 -8.50
N GLY B 96 13.58 7.91 -9.01
CA GLY B 96 14.45 9.02 -8.62
C GLY B 96 13.80 10.40 -8.73
N LYS B 97 13.13 10.65 -9.86
CA LYS B 97 12.51 11.96 -10.09
C LYS B 97 11.38 12.19 -9.11
N GLN B 98 10.60 11.15 -8.83
CA GLN B 98 9.48 11.23 -7.91
C GLN B 98 9.87 11.35 -6.44
N TRP B 99 10.91 10.64 -5.99
CA TRP B 99 11.44 10.71 -4.64
C TRP B 99 12.00 12.07 -4.26
N ARG B 100 12.76 12.61 -5.21
CA ARG B 100 13.46 13.88 -5.03
C ARG B 100 12.85 15.17 -5.57
N ALA B 101 11.92 15.06 -6.50
CA ALA B 101 11.36 16.24 -7.12
C ALA B 101 9.96 16.06 -7.70
N TRP B 102 8.99 15.61 -6.89
CA TRP B 102 7.60 15.46 -7.35
C TRP B 102 7.07 16.80 -7.90
N PRO B 103 6.75 16.94 -9.19
CA PRO B 103 6.25 18.19 -9.74
C PRO B 103 4.79 18.54 -9.47
N THR B 104 4.61 19.73 -8.93
CA THR B 104 3.26 20.28 -8.72
C THR B 104 2.63 20.77 -10.05
N PRO B 105 1.32 21.02 -10.20
CA PRO B 105 0.76 21.69 -11.38
C PRO B 105 1.25 23.13 -11.52
N ASP B 106 1.52 23.75 -10.37
CA ASP B 106 2.05 25.11 -10.31
C ASP B 106 3.58 25.31 -10.36
N GLY B 107 4.32 24.56 -11.19
CA GLY B 107 5.78 24.73 -11.37
C GLY B 107 6.76 24.21 -10.30
N ARG B 108 6.38 24.28 -9.03
CA ARG B 108 7.19 23.81 -7.90
C ARG B 108 7.52 22.31 -7.81
N HIS B 109 8.44 21.90 -6.94
CA HIS B 109 8.78 20.50 -6.74
C HIS B 109 8.87 20.10 -5.27
N ILE B 110 8.40 18.90 -4.94
CA ILE B 110 8.46 18.39 -3.57
C ILE B 110 9.58 17.37 -3.39
N ASP B 111 10.47 17.58 -2.43
CA ASP B 111 11.49 16.60 -2.12
C ASP B 111 11.01 15.77 -0.94
N GLN B 112 10.47 14.63 -1.33
CA GLN B 112 9.88 13.69 -0.38
C GLN B 112 10.89 13.05 0.53
N ILE B 113 12.15 12.84 0.08
CA ILE B 113 13.20 12.30 0.96
C ILE B 113 13.62 13.31 2.02
N THR B 114 13.93 14.58 1.70
CA THR B 114 14.18 15.65 2.69
C THR B 114 13.00 15.81 3.62
N THR B 115 11.78 15.84 3.05
CA THR B 115 10.56 15.87 3.87
C THR B 115 10.54 14.71 4.86
N VAL B 116 10.76 13.47 4.43
CA VAL B 116 10.77 12.33 5.35
C VAL B 116 11.87 12.38 6.41
N LEU B 117 13.11 12.75 6.06
CA LEU B 117 14.19 13.02 7.04
C LEU B 117 13.79 14.04 8.13
N ASN B 118 13.24 15.18 7.68
CA ASN B 118 12.79 16.21 8.59
C ASN B 118 11.64 15.76 9.48
N GLN B 119 10.73 14.91 8.96
CA GLN B 119 9.67 14.29 9.76
C GLN B 119 10.18 13.35 10.82
N LEU B 120 11.13 12.48 10.50
CA LEU B 120 11.69 11.53 11.45
C LEU B 120 12.49 12.23 12.55
N LYS B 121 13.10 13.36 12.25
CA LYS B 121 13.83 14.14 13.26
C LYS B 121 13.01 15.14 14.09
N ASN B 122 12.00 15.76 13.50
CA ASN B 122 11.13 16.73 14.16
C ASN B 122 9.76 16.22 14.60
N ASP B 123 9.25 15.15 14.01
CA ASP B 123 7.94 14.63 14.33
C ASP B 123 7.88 13.10 14.17
N PRO B 124 8.62 12.28 14.96
CA PRO B 124 8.71 10.84 14.77
C PRO B 124 7.40 10.08 14.90
N ASP B 125 6.45 10.61 15.66
CA ASP B 125 5.16 9.92 15.82
C ASP B 125 4.16 10.08 14.68
N SER B 126 4.50 10.91 13.69
CA SER B 126 3.67 11.13 12.52
C SER B 126 3.26 9.83 11.83
N ARG B 127 1.99 9.81 11.43
CA ARG B 127 1.40 8.69 10.72
C ARG B 127 1.37 8.98 9.20
N ARG B 128 2.04 10.05 8.78
CA ARG B 128 2.14 10.45 7.38
C ARG B 128 3.58 10.43 6.87
N ILE B 129 4.52 9.65 7.40
CA ILE B 129 5.92 9.67 6.90
C ILE B 129 6.00 8.72 5.71
N ILE B 130 5.62 9.31 4.59
CA ILE B 130 5.40 8.58 3.36
C ILE B 130 6.12 9.11 2.13
N VAL B 131 6.60 8.20 1.30
CA VAL B 131 6.97 8.62 -0.04
C VAL B 131 6.33 7.68 -1.06
N SER B 132 5.73 8.37 -2.02
CA SER B 132 5.08 7.73 -3.16
C SER B 132 5.77 7.97 -4.48
N ALA B 133 5.90 6.95 -5.30
CA ALA B 133 6.39 7.11 -6.66
C ALA B 133 5.24 7.00 -7.68
N TRP B 134 4.01 6.75 -7.21
CA TRP B 134 2.85 6.62 -8.08
C TRP B 134 2.25 7.98 -8.42
N ASN B 135 2.94 8.68 -9.29
CA ASN B 135 2.48 9.95 -9.78
C ASN B 135 1.58 9.70 -10.98
N VAL B 136 0.27 9.63 -10.73
CA VAL B 136 -0.74 9.41 -11.78
C VAL B 136 -0.62 10.39 -12.98
N GLY B 137 -0.34 11.68 -12.75
CA GLY B 137 -0.08 12.63 -13.82
C GLY B 137 1.14 12.37 -14.74
N GLU B 138 2.08 11.50 -14.30
CA GLU B 138 3.28 11.20 -15.06
C GLU B 138 3.53 9.76 -15.47
N LEU B 139 2.66 8.81 -15.15
CA LEU B 139 2.81 7.41 -15.52
C LEU B 139 2.99 7.15 -17.02
N ASP B 140 2.32 7.99 -17.83
CA ASP B 140 2.41 7.99 -19.29
C ASP B 140 3.85 8.15 -19.83
N LYS B 141 4.50 9.13 -19.20
CA LYS B 141 5.86 9.54 -19.47
C LYS B 141 6.93 8.57 -18.96
N MET B 142 6.57 7.47 -18.30
CA MET B 142 7.56 6.54 -17.77
C MET B 142 7.82 5.29 -18.63
N ALA B 143 9.06 4.82 -18.77
CA ALA B 143 9.34 3.57 -19.51
C ALA B 143 8.61 2.34 -18.98
N LEU B 144 8.43 2.38 -17.67
CA LEU B 144 7.75 1.35 -16.90
C LEU B 144 7.04 1.96 -15.68
N ALA B 145 5.77 1.61 -15.43
CA ALA B 145 5.08 2.07 -14.23
C ALA B 145 5.75 1.52 -12.95
N PRO B 146 5.93 2.29 -11.87
CA PRO B 146 6.58 1.88 -10.62
C PRO B 146 6.08 0.59 -9.97
N CYS B 147 6.87 -0.46 -9.79
CA CYS B 147 6.39 -1.65 -9.06
C CYS B 147 6.35 -1.46 -7.55
N HIS B 148 7.43 -0.89 -7.03
CA HIS B 148 7.52 -0.56 -5.61
C HIS B 148 7.05 0.89 -5.59
N ALA B 149 5.74 0.94 -5.41
CA ALA B 149 4.98 2.17 -5.62
C ALA B 149 4.85 3.20 -4.51
N PHE B 150 4.76 2.68 -3.31
CA PHE B 150 4.40 3.48 -2.15
C PHE B 150 5.05 2.91 -0.90
N PHE B 151 5.70 3.74 -0.09
CA PHE B 151 6.17 3.26 1.20
C PHE B 151 6.07 4.23 2.35
N GLN B 152 6.02 3.62 3.53
CA GLN B 152 5.80 4.34 4.76
C GLN B 152 6.75 4.00 5.91
N PHE B 153 7.32 5.01 6.56
CA PHE B 153 8.14 4.86 7.75
C PHE B 153 7.35 5.03 9.04
N TYR B 154 7.78 4.37 10.11
CA TYR B 154 7.11 4.38 11.40
C TYR B 154 8.11 4.35 12.55
N VAL B 155 8.02 5.17 13.58
CA VAL B 155 8.92 5.05 14.72
C VAL B 155 8.14 4.66 15.97
N ALA B 156 8.62 3.69 16.73
CA ALA B 156 8.02 3.36 18.03
C ALA B 156 9.02 3.48 19.18
N ASP B 157 9.57 2.47 19.87
CA ASP B 157 10.48 2.74 20.99
C ASP B 157 11.91 2.97 20.52
N GLY B 158 12.20 4.12 19.93
CA GLY B 158 13.53 4.40 19.38
C GLY B 158 13.92 3.63 18.11
N LYS B 159 13.00 2.80 17.60
CA LYS B 159 13.14 2.00 16.37
C LYS B 159 12.40 2.44 15.10
N LEU B 160 13.11 2.47 13.98
CA LEU B 160 12.56 2.75 12.66
C LEU B 160 12.12 1.54 11.83
N SER B 161 10.82 1.50 11.55
CA SER B 161 10.22 0.51 10.66
C SER B 161 9.81 1.09 9.32
N CYS B 162 9.65 0.24 8.35
CA CYS B 162 9.25 0.62 7.00
C CYS B 162 8.37 -0.41 6.32
N GLN B 163 7.28 0.01 5.71
CA GLN B 163 6.41 -0.87 4.94
C GLN B 163 6.35 -0.43 3.50
N LEU B 164 6.54 -1.40 2.63
CA LEU B 164 6.44 -1.22 1.20
C LEU B 164 5.15 -1.81 0.62
N TYR B 165 4.49 -1.05 -0.24
CA TYR B 165 3.44 -1.62 -1.07
C TYR B 165 4.03 -1.80 -2.49
N GLN B 166 4.15 -3.07 -2.84
CA GLN B 166 4.61 -3.42 -4.16
C GLN B 166 3.44 -3.95 -5.00
N ARG B 167 2.98 -3.26 -6.05
CA ARG B 167 1.81 -3.72 -6.77
C ARG B 167 2.00 -4.87 -7.73
N SER B 168 3.22 -4.98 -8.20
CA SER B 168 3.60 -6.03 -9.14
C SER B 168 4.92 -6.63 -8.71
N CYS B 169 4.91 -7.93 -8.47
CA CYS B 169 6.11 -8.61 -8.02
C CYS B 169 6.52 -9.90 -8.70
N ASP B 170 7.69 -9.88 -9.31
CA ASP B 170 8.33 -11.08 -9.83
C ASP B 170 9.03 -11.75 -8.65
N VAL B 171 8.40 -12.76 -8.06
CA VAL B 171 8.94 -13.49 -6.91
C VAL B 171 10.36 -14.00 -7.15
N PHE B 172 10.67 -14.70 -8.26
CA PHE B 172 12.03 -15.24 -8.47
C PHE B 172 13.09 -14.17 -8.71
N LEU B 173 12.86 -13.25 -9.63
CA LEU B 173 13.89 -12.28 -9.98
C LEU B 173 13.90 -10.94 -9.23
N GLY B 174 12.81 -10.18 -9.25
CA GLY B 174 12.79 -8.86 -8.61
C GLY B 174 12.68 -8.84 -7.09
N LEU B 175 11.84 -9.70 -6.49
CA LEU B 175 11.65 -9.64 -5.05
C LEU B 175 12.87 -9.78 -4.14
N PRO B 176 13.87 -10.68 -4.25
CA PRO B 176 15.14 -10.62 -3.49
C PRO B 176 15.83 -9.25 -3.52
N PHE B 177 15.88 -8.69 -4.72
CA PHE B 177 16.45 -7.38 -5.00
C PHE B 177 15.72 -6.23 -4.29
N ASN B 178 14.38 -6.23 -4.32
CA ASN B 178 13.54 -5.23 -3.64
C ASN B 178 13.63 -5.26 -2.11
N ILE B 179 13.66 -6.46 -1.50
CA ILE B 179 13.75 -6.59 -0.05
C ILE B 179 15.05 -6.02 0.45
N ALA B 180 16.17 -6.42 -0.17
CA ALA B 180 17.47 -5.90 0.23
C ALA B 180 17.63 -4.40 0.00
N SER B 181 17.09 -3.88 -1.10
CA SER B 181 17.14 -2.44 -1.40
C SER B 181 16.45 -1.57 -0.34
N TYR B 182 15.27 -2.00 0.12
CA TYR B 182 14.55 -1.25 1.12
C TYR B 182 15.09 -1.44 2.53
N ALA B 183 15.60 -2.63 2.87
CA ALA B 183 16.30 -2.89 4.13
C ALA B 183 17.54 -2.01 4.28
N LEU B 184 18.25 -1.86 3.15
CA LEU B 184 19.37 -0.93 3.04
C LEU B 184 18.94 0.51 3.34
N LEU B 185 17.85 0.99 2.71
CA LEU B 185 17.33 2.33 2.98
C LEU B 185 16.93 2.56 4.45
N VAL B 186 16.24 1.64 5.11
CA VAL B 186 15.92 1.72 6.54
C VAL B 186 17.21 1.84 7.36
N HIS B 187 18.27 1.07 7.06
CA HIS B 187 19.54 1.22 7.76
C HIS B 187 20.17 2.59 7.55
N MET B 188 20.11 3.16 6.34
CA MET B 188 20.65 4.49 6.07
C MET B 188 19.87 5.59 6.81
N MET B 189 18.54 5.52 6.70
CA MET B 189 17.62 6.42 7.41
C MET B 189 17.78 6.38 8.93
N ALA B 190 17.77 5.19 9.54
CA ALA B 190 17.99 5.05 10.97
C ALA B 190 19.34 5.66 11.35
N GLN B 191 20.44 5.39 10.64
CA GLN B 191 21.73 6.01 10.98
C GLN B 191 21.71 7.55 10.90
N GLN B 192 21.18 8.16 9.83
CA GLN B 192 21.04 9.63 9.77
C GLN B 192 20.13 10.25 10.85
N CYS B 193 19.13 9.47 11.29
CA CYS B 193 18.18 9.93 12.28
C CYS B 193 18.48 9.48 13.69
N ASP B 194 19.62 8.84 13.90
CA ASP B 194 20.03 8.34 15.22
C ASP B 194 18.98 7.47 15.90
N LEU B 195 18.51 6.51 15.10
CA LEU B 195 17.50 5.56 15.52
C LEU B 195 18.00 4.15 15.36
N GLU B 196 17.31 3.22 16.00
CA GLU B 196 17.63 1.81 15.90
C GLU B 196 16.81 1.14 14.79
N VAL B 197 17.21 0.06 14.11
CA VAL B 197 16.34 -0.54 13.09
C VAL B 197 15.24 -1.46 13.65
N GLY B 198 14.04 -1.32 13.09
CA GLY B 198 12.93 -2.19 13.47
C GLY B 198 12.58 -3.20 12.39
N ASP B 199 11.36 -3.16 11.90
CA ASP B 199 10.89 -4.12 10.91
C ASP B 199 10.83 -3.61 9.51
N PHE B 200 11.13 -4.48 8.55
CA PHE B 200 10.83 -4.21 7.15
C PHE B 200 9.60 -5.04 6.80
N VAL B 201 8.48 -4.38 6.56
CA VAL B 201 7.24 -5.05 6.17
C VAL B 201 7.00 -4.94 4.67
N TRP B 202 6.87 -6.09 4.01
CA TRP B 202 6.62 -6.11 2.58
C TRP B 202 5.20 -6.56 2.30
N THR B 203 4.43 -5.73 1.60
CA THR B 203 3.08 -6.08 1.20
C THR B 203 3.00 -6.08 -0.33
N GLY B 204 2.43 -7.13 -0.92
CA GLY B 204 2.36 -7.24 -2.37
C GLY B 204 0.96 -7.30 -2.96
N GLY B 205 0.85 -6.74 -4.15
CA GLY B 205 -0.36 -6.80 -4.95
C GLY B 205 -0.34 -8.08 -5.78
N ASP B 206 -0.24 -7.96 -7.10
CA ASP B 206 -0.14 -9.12 -7.99
C ASP B 206 1.25 -9.72 -7.82
N THR B 207 1.29 -10.79 -7.04
CA THR B 207 2.52 -11.49 -6.67
C THR B 207 2.63 -12.74 -7.52
N HIS B 208 3.62 -12.77 -8.37
CA HIS B 208 3.70 -13.80 -9.39
C HIS B 208 5.04 -14.44 -9.75
N LEU B 209 4.96 -15.66 -10.27
CA LEU B 209 6.10 -16.43 -10.76
C LEU B 209 5.93 -16.71 -12.27
N TYR B 210 6.91 -16.37 -13.11
CA TYR B 210 6.79 -16.62 -14.55
C TYR B 210 6.89 -18.08 -14.96
N SER B 211 6.11 -18.57 -15.94
CA SER B 211 6.16 -19.97 -16.41
C SER B 211 7.56 -20.50 -16.70
N ASN B 212 8.41 -19.70 -17.35
CA ASN B 212 9.79 -20.10 -17.61
C ASN B 212 10.74 -19.89 -16.44
N HIS B 213 10.22 -19.81 -15.20
CA HIS B 213 11.03 -19.82 -14.00
C HIS B 213 10.71 -21.03 -13.12
N MET B 214 9.84 -21.96 -13.52
CA MET B 214 9.51 -23.17 -12.76
C MET B 214 10.68 -24.08 -12.37
N ASP B 215 11.64 -24.40 -13.25
CA ASP B 215 12.80 -25.21 -12.88
C ASP B 215 13.70 -24.51 -11.85
N GLN B 216 14.02 -23.24 -12.12
CA GLN B 216 14.79 -22.42 -11.18
C GLN B 216 14.17 -22.33 -9.79
N THR B 217 12.85 -22.14 -9.73
CA THR B 217 12.11 -22.15 -8.45
C THR B 217 12.24 -23.48 -7.74
N HIS B 218 11.97 -24.61 -8.41
CA HIS B 218 12.12 -25.94 -7.80
C HIS B 218 13.51 -26.24 -7.29
N LEU B 219 14.56 -25.77 -7.98
CA LEU B 219 15.91 -25.93 -7.50
C LEU B 219 16.10 -25.12 -6.22
N GLN B 220 15.77 -23.83 -6.19
CA GLN B 220 15.89 -23.03 -4.96
C GLN B 220 15.07 -23.55 -3.78
N LEU B 221 13.84 -23.98 -4.06
CA LEU B 221 12.92 -24.56 -3.08
C LEU B 221 13.42 -25.86 -2.43
N SER B 222 14.45 -26.51 -2.99
CA SER B 222 15.07 -27.67 -2.35
C SER B 222 16.35 -27.28 -1.63
N ARG B 223 16.67 -26.01 -1.43
CA ARG B 223 17.91 -25.64 -0.76
C ARG B 223 17.67 -25.10 0.65
N GLU B 224 18.52 -25.38 1.63
CA GLU B 224 18.24 -24.91 2.98
C GLU B 224 18.74 -23.50 3.23
N PRO B 225 17.93 -22.60 3.80
CA PRO B 225 18.29 -21.23 4.12
C PRO B 225 19.42 -21.13 5.14
N ARG B 226 20.47 -20.41 4.86
CA ARG B 226 21.53 -20.20 5.85
C ARG B 226 21.30 -19.00 6.77
N PRO B 227 21.99 -18.84 7.92
CA PRO B 227 22.01 -17.60 8.68
C PRO B 227 22.10 -16.31 7.85
N LEU B 228 21.35 -15.27 8.24
CA LEU B 228 21.43 -14.00 7.51
C LEU B 228 22.70 -13.21 7.77
N PRO B 229 23.25 -12.46 6.82
CA PRO B 229 24.42 -11.62 7.03
C PRO B 229 24.23 -10.42 7.98
N LYS B 230 25.28 -9.63 8.18
CA LYS B 230 25.20 -8.42 8.96
C LYS B 230 25.69 -7.24 8.14
N LEU B 231 24.94 -6.15 8.18
CA LEU B 231 25.31 -4.98 7.41
C LEU B 231 26.10 -3.95 8.23
N ILE B 232 27.33 -3.74 7.80
CA ILE B 232 28.22 -2.72 8.36
C ILE B 232 28.24 -1.47 7.49
N ILE B 233 27.93 -0.33 8.09
CA ILE B 233 28.01 0.97 7.41
C ILE B 233 29.29 1.67 7.90
N LYS B 234 30.40 1.48 7.20
CA LYS B 234 31.74 1.93 7.62
C LYS B 234 31.99 3.39 8.07
N ARG B 235 31.25 4.34 7.54
CA ARG B 235 31.32 5.71 8.02
C ARG B 235 29.92 6.33 8.06
N LYS B 236 29.71 7.36 8.82
CA LYS B 236 28.42 8.07 8.84
C LYS B 236 28.52 9.35 8.02
N PRO B 237 27.99 9.39 6.80
CA PRO B 237 27.99 10.58 5.96
C PRO B 237 27.28 11.77 6.59
N GLU B 238 27.57 12.97 6.09
CA GLU B 238 26.93 14.20 6.57
C GLU B 238 25.47 14.42 6.08
N SER B 239 24.97 13.47 5.30
CA SER B 239 23.60 13.44 4.83
C SER B 239 23.32 12.13 4.11
N ILE B 240 22.04 11.78 3.95
CA ILE B 240 21.65 10.58 3.21
C ILE B 240 21.89 10.67 1.69
N PHE B 241 22.31 11.84 1.23
CA PHE B 241 22.65 12.06 -0.16
C PHE B 241 24.13 11.89 -0.50
N ASP B 242 24.98 11.58 0.47
CA ASP B 242 26.36 11.27 0.16
C ASP B 242 26.93 9.94 0.66
N TYR B 243 26.14 8.87 0.59
CA TYR B 243 26.69 7.56 0.84
C TYR B 243 27.38 7.08 -0.45
N ARG B 244 28.40 6.25 -0.37
CA ARG B 244 29.10 5.79 -1.56
C ARG B 244 29.20 4.28 -1.47
N PHE B 245 29.38 3.55 -2.58
CA PHE B 245 29.47 2.09 -2.59
C PHE B 245 30.42 1.48 -1.54
N GLU B 246 31.53 2.19 -1.31
CA GLU B 246 32.54 1.83 -0.32
C GLU B 246 32.08 1.79 1.14
N ASP B 247 30.97 2.46 1.49
CA ASP B 247 30.50 2.53 2.88
C ASP B 247 29.77 1.32 3.41
N PHE B 248 29.48 0.34 2.53
CA PHE B 248 28.68 -0.82 2.86
C PHE B 248 29.37 -2.17 2.82
N GLU B 249 29.18 -2.98 3.87
CA GLU B 249 29.80 -4.29 3.93
C GLU B 249 28.94 -5.40 4.55
N ILE B 250 28.96 -6.65 4.07
CA ILE B 250 28.15 -7.73 4.67
C ILE B 250 28.87 -8.95 5.28
N GLU B 251 29.27 -8.89 6.54
CA GLU B 251 29.94 -10.05 7.13
C GLU B 251 28.98 -11.24 7.32
N GLY B 252 29.45 -12.47 7.27
CA GLY B 252 28.59 -13.64 7.43
C GLY B 252 27.76 -14.03 6.22
N TYR B 253 27.93 -13.42 5.04
CA TYR B 253 27.15 -13.85 3.87
C TYR B 253 27.67 -15.11 3.17
N ASP B 254 27.07 -16.24 3.50
CA ASP B 254 27.41 -17.50 2.87
C ASP B 254 26.27 -18.14 2.05
N PRO B 255 25.96 -17.69 0.83
CA PRO B 255 24.92 -18.24 -0.01
C PRO B 255 25.18 -19.52 -0.80
N HIS B 256 24.11 -20.19 -1.23
CA HIS B 256 24.15 -21.29 -2.18
C HIS B 256 24.46 -20.75 -3.59
N PRO B 257 24.84 -21.53 -4.61
CA PRO B 257 25.15 -20.99 -5.94
C PRO B 257 24.12 -20.09 -6.62
N GLY B 258 24.62 -19.06 -7.28
CA GLY B 258 23.84 -18.05 -8.00
C GLY B 258 22.55 -18.33 -8.78
N ILE B 259 22.26 -19.46 -9.43
CA ILE B 259 21.04 -19.65 -10.28
C ILE B 259 20.64 -18.63 -11.38
N LYS B 260 20.96 -18.90 -12.65
CA LYS B 260 20.57 -18.05 -13.78
C LYS B 260 19.11 -18.17 -14.24
N ALA B 261 18.41 -17.08 -14.56
CA ALA B 261 17.03 -17.17 -15.06
C ALA B 261 16.62 -16.15 -16.13
N PRO B 262 15.89 -16.51 -17.19
CA PRO B 262 15.51 -15.58 -18.26
C PRO B 262 14.70 -14.37 -17.79
N VAL B 263 15.11 -13.15 -18.12
CA VAL B 263 14.33 -11.97 -17.75
C VAL B 263 13.20 -11.67 -18.74
N ALA B 264 11.99 -11.37 -18.27
CA ALA B 264 10.85 -11.10 -19.16
C ALA B 264 10.59 -9.65 -19.53
N ILE B 265 10.57 -9.29 -20.81
CA ILE B 265 10.35 -7.92 -21.27
C ILE B 265 9.12 -7.85 -22.20
P PO4 C . -3.60 11.57 10.97
O1 PO4 C . -2.14 12.01 10.90
O2 PO4 C . -3.50 10.13 11.14
O3 PO4 C . -3.98 12.07 9.68
O4 PO4 C . -4.08 12.29 12.12
N1 DUR D . -9.35 7.71 10.04
C2 DUR D . -9.64 6.38 9.70
N3 DUR D . -10.23 6.21 8.47
C4 DUR D . -10.56 7.21 7.59
C5 DUR D . -10.26 8.55 8.02
C6 DUR D . -9.66 8.74 9.27
O2 DUR D . -9.36 5.40 10.38
O4 DUR D . -11.04 6.93 6.49
C1' DUR D . -8.67 8.03 11.32
C2' DUR D . -7.14 8.00 11.24
C3' DUR D . -6.66 8.83 12.44
C4' DUR D . -7.71 9.97 12.39
O3' DUR D . -6.82 8.09 13.67
O4' DUR D . -8.93 9.36 11.86
C5' DUR D . -7.33 11.17 11.46
O5' DUR D . -6.98 10.82 10.11
N1 CB3 E . -10.85 10.95 13.23
C2 CB3 E . -10.69 9.95 14.12
NA2 CB3 E . -10.00 10.13 15.24
N3 CB3 E . -11.20 8.73 13.87
C4 CB3 E . -11.86 8.48 12.74
O4 CB3 E . -12.24 7.17 12.50
C4A CB3 E . -12.11 9.49 11.82
C5 CB3 E . -12.90 9.29 10.68
C6 CB3 E . -13.09 10.33 9.74
C7 CB3 E . -12.45 11.56 9.96
C8 CB3 E . -11.67 11.77 11.10
C8A CB3 E . -11.53 10.75 12.06
C9 CB3 E . -14.19 10.27 8.74
N10 CB3 E . -15.19 9.19 8.85
C11 CB3 E . -17.47 8.43 12.32
C12 CB3 E . -17.01 9.73 12.03
C13 CB3 E . -16.27 9.97 10.87
C14 CB3 E . -15.94 8.93 9.97
C15 CB3 E . -16.40 7.63 10.27
C16 CB3 E . -17.15 7.38 11.43
C CB3 E . -18.28 8.19 13.51
O CB3 E . -18.32 8.99 14.46
N CB3 E . -18.97 7.06 13.58
CA CB3 E . -20.44 6.95 13.80
CB CB3 E . -20.52 6.14 15.11
CG CB3 E . -21.25 4.79 14.92
CD CB3 E . -20.81 3.92 13.74
OE1 CB3 E . -21.67 3.46 12.96
OE2 CB3 E . -19.59 3.66 13.60
CT CB3 E . -21.34 8.21 13.78
O1 CB3 E . -21.75 8.73 14.84
O2 CB3 E . -21.68 8.65 12.68
CP1 CB3 E . -15.25 8.34 7.67
CP2 CB3 E . -14.48 7.14 7.96
CP3 CB3 E . -13.78 6.21 8.27
P PO4 F . 3.81 -3.91 -15.33
O1 PO4 F . 3.27 -4.86 -14.25
O2 PO4 F . 4.17 -2.70 -14.59
O3 PO4 F . 2.65 -3.79 -16.23
O4 PO4 F . 4.89 -4.72 -15.81
N1 DUR G . 9.40 -6.12 -11.09
C2 DUR G . 9.66 -6.45 -9.76
N3 DUR G . 10.37 -5.49 -9.05
C4 DUR G . 10.84 -4.29 -9.54
C5 DUR G . 10.52 -4.04 -10.94
C6 DUR G . 9.80 -4.99 -11.66
O2 DUR G . 9.28 -7.47 -9.22
O4 DUR G . 11.46 -3.50 -8.84
C1' DUR G . 8.70 -7.07 -11.98
C2' DUR G . 7.19 -6.89 -12.02
C3' DUR G . 6.76 -7.55 -13.33
C4' DUR G . 7.89 -7.07 -14.25
O3' DUR G . 6.88 -8.97 -13.19
O4' DUR G . 9.09 -7.04 -13.41
C5' DUR G . 7.69 -5.66 -14.86
O5' DUR G . 7.35 -4.62 -13.91
N1 CB3 H . 11.21 -7.60 -15.35
C2 CB3 H . 10.97 -8.85 -14.91
NA2 CB3 H . 10.32 -9.71 -15.69
N3 CB3 H . 11.36 -9.24 -13.71
C4 CB3 H . 12.03 -8.42 -12.89
O4 CB3 H . 12.29 -8.89 -11.61
C4A CB3 H . 12.39 -7.14 -13.31
C5 CB3 H . 13.18 -6.24 -12.56
C6 CB3 H . 13.46 -4.94 -13.03
C7 CB3 H . 12.92 -4.54 -14.26
C8 CB3 H . 12.15 -5.44 -15.01
C8A CB3 H . 11.90 -6.73 -14.57
C9 CB3 H . 14.53 -4.06 -12.50
N10 CB3 H . 15.45 -4.67 -11.51
C11 CB3 H . 17.46 -8.22 -12.44
C12 CB3 H . 17.18 -7.89 -11.10
C13 CB3 H . 16.56 -6.68 -10.78
C14 CB3 H . 16.20 -5.77 -11.79
C15 CB3 H . 16.54 -6.10 -13.13
C16 CB3 H . 17.15 -7.30 -13.45
C CB3 H . 18.02 -9.51 -12.80
O CB3 H . 17.90 -10.01 -13.92
N CB3 H . 18.71 -10.14 -11.85
CA CB3 H . 19.74 -11.17 -12.11
CB CB3 H . 21.08 -10.50 -12.51
CG CB3 H . 21.39 -9.18 -11.80
CD CB3 H . 22.87 -8.91 -11.50
OE1 CB3 H . 23.15 -8.34 -10.43
OE2 CB3 H . 23.73 -9.30 -12.27
CT CB3 H . 19.98 -12.04 -10.86
O1 CB3 H . 20.42 -13.18 -10.99
O2 CB3 H . 19.76 -11.56 -9.74
CP1 CB3 H . 15.36 -4.05 -10.19
CP2 CB3 H . 14.34 -4.75 -9.39
CP3 CB3 H . 13.59 -5.36 -8.69
#